data_1UHH
#
_entry.id   1UHH
#
_cell.length_a   34.198
_cell.length_b   57.274
_cell.length_c   58.191
_cell.angle_alpha   72.20
_cell.angle_beta   80.00
_cell.angle_gamma   68.40
#
_symmetry.space_group_name_H-M   'P 1'
#
loop_
_entity.id
_entity.type
_entity.pdbx_description
1 polymer 'Aequorin 2'
2 non-polymer '(8R)-8-(CYCLOPENTYLMETHYL)-2-HYDROPEROXY-2-(4-HYDROXYBENZYL)-6-(4-HYDROXYPHENYL)-7,8-DIHYDROIMIDAZO[1,2-A]PYRAZIN-3(2H) -ONE'
3 water water
#
_entity_poly.entity_id   1
_entity_poly.type   'polypeptide(L)'
_entity_poly.pdbx_seq_one_letter_code
;ANSKLTSDFDNPRWIGRHKH(MSE)FNFLDVNHNGKISLDE(MSE)VYKASDIVINNLGATPEQAKRHKDAVEAFFGGAG
(MSE)KYGVETDWPAYIEGWKKLATDELEKYAKNEPTLIRIWGDALFDIVDKDQNGAITLDEWKAYTKAAGIIQSSEDCE
ETFRVCDIDESGQLDVDE(MSE)TRQHLGFWYT(MSE)DPACEKLYGGAVP
;
_entity_poly.pdbx_strand_id   A,B
#
# COMPACT_ATOMS: atom_id res chain seq x y z
N ALA A 1 -24.44 14.91 3.07
CA ALA A 1 -24.23 13.88 2.02
C ALA A 1 -25.53 13.12 1.82
N ASN A 2 -25.91 12.95 0.54
CA ASN A 2 -27.11 12.21 0.21
C ASN A 2 -27.02 10.69 0.36
N SER A 3 -25.79 10.14 0.36
CA SER A 3 -25.50 8.70 0.58
C SER A 3 -24.52 8.50 1.70
N LYS A 4 -24.59 7.32 2.32
CA LYS A 4 -23.63 6.84 3.31
C LYS A 4 -22.73 5.85 2.50
N LEU A 5 -21.49 6.30 2.22
CA LEU A 5 -20.59 5.56 1.34
C LEU A 5 -19.40 5.17 2.15
N THR A 6 -19.06 3.87 2.08
CA THR A 6 -17.98 3.26 2.84
C THR A 6 -17.05 2.42 1.94
N SER A 7 -15.80 2.26 2.34
CA SER A 7 -14.85 1.49 1.52
C SER A 7 -15.06 0.00 1.70
N ASP A 8 -14.56 -0.78 0.74
CA ASP A 8 -14.60 -2.23 0.77
C ASP A 8 -13.32 -2.73 0.08
N PHE A 9 -12.16 -2.33 0.63
CA PHE A 9 -10.84 -2.48 0.01
C PHE A 9 -10.35 -3.93 -0.05
N ASP A 10 -10.90 -4.81 0.78
CA ASP A 10 -10.54 -6.22 0.66
C ASP A 10 -11.41 -7.04 -0.33
N ASN A 11 -12.45 -6.45 -0.93
CA ASN A 11 -13.26 -7.11 -1.90
C ASN A 11 -12.38 -7.38 -3.11
N PRO A 12 -12.17 -8.63 -3.49
CA PRO A 12 -11.36 -8.90 -4.69
C PRO A 12 -11.93 -8.21 -5.95
N ARG A 13 -13.23 -7.90 -6.00
CA ARG A 13 -13.74 -7.18 -7.19
C ARG A 13 -13.33 -5.71 -7.22
N TRP A 14 -13.14 -5.09 -6.04
CA TRP A 14 -12.60 -3.73 -5.96
C TRP A 14 -11.17 -3.70 -6.45
N ILE A 15 -10.35 -4.60 -5.91
CA ILE A 15 -8.93 -4.67 -6.24
C ILE A 15 -8.83 -4.92 -7.72
N GLY A 16 -9.70 -5.80 -8.22
CA GLY A 16 -9.65 -6.25 -9.60
C GLY A 16 -10.02 -5.17 -10.62
N ARG A 17 -10.93 -4.32 -10.19
CA ARG A 17 -11.40 -3.20 -10.97
C ARG A 17 -10.25 -2.27 -11.18
N HIS A 18 -9.50 -2.01 -10.12
CA HIS A 18 -8.34 -1.13 -10.28
C HIS A 18 -7.13 -1.79 -10.94
N LYS A 19 -6.99 -3.10 -10.80
CA LYS A 19 -5.97 -3.79 -11.57
C LYS A 19 -6.27 -3.76 -13.09
N HIS A 20 -7.52 -3.88 -13.43
CA HIS A 20 -7.94 -3.71 -14.82
C HIS A 20 -7.49 -2.34 -15.35
N PHE A 22 -5.20 -0.29 -14.08
CA PHE A 22 -3.73 -0.30 -14.10
C PHE A 22 -3.20 -0.93 -15.39
N ASN A 23 -3.71 -2.11 -15.73
CA ASN A 23 -3.23 -2.83 -16.93
C ASN A 23 -3.62 -2.04 -18.23
N PHE A 24 -4.78 -1.44 -18.21
CA PHE A 24 -5.23 -0.64 -19.38
C PHE A 24 -4.35 0.62 -19.52
N LEU A 25 -3.94 1.23 -18.39
CA LEU A 25 -3.10 2.44 -18.44
C LEU A 25 -1.64 2.09 -18.76
N ASP A 26 -1.21 0.87 -18.43
CA ASP A 26 0.16 0.38 -18.71
C ASP A 26 0.19 -0.20 -20.11
N VAL A 27 0.02 0.68 -21.07
CA VAL A 27 -0.22 0.26 -22.46
C VAL A 27 0.87 -0.62 -23.05
N ASN A 28 2.12 -0.39 -22.65
CA ASN A 28 3.23 -1.20 -23.10
C ASN A 28 3.67 -2.33 -22.14
N HIS A 29 2.85 -2.63 -21.15
CA HIS A 29 3.17 -3.71 -20.18
C HIS A 29 4.59 -3.56 -19.53
N ASN A 30 4.92 -2.39 -19.04
CA ASN A 30 6.14 -2.21 -18.31
C ASN A 30 6.05 -2.65 -16.88
N GLY A 31 4.85 -2.87 -16.38
CA GLY A 31 4.62 -3.19 -14.98
C GLY A 31 4.65 -1.97 -14.08
N LYS A 32 4.77 -0.78 -14.69
CA LYS A 32 4.78 0.49 -13.95
C LYS A 32 4.30 1.62 -14.86
N ILE A 33 3.78 2.65 -14.23
CA ILE A 33 3.28 3.83 -14.93
C ILE A 33 3.67 5.07 -14.13
N SER A 34 3.83 6.21 -14.85
CA SER A 34 4.26 7.49 -14.24
C SER A 34 3.19 8.53 -14.38
N LEU A 35 3.23 9.53 -13.52
CA LEU A 35 2.35 10.65 -13.69
C LEU A 35 2.54 11.37 -15.01
N ASP A 36 3.75 11.39 -15.51
CA ASP A 36 4.05 12.01 -16.78
C ASP A 36 3.21 11.42 -17.92
N GLU A 37 3.11 10.09 -17.90
CA GLU A 37 2.33 9.32 -18.90
C GLU A 37 0.85 9.59 -18.72
N VAL A 39 -0.74 12.34 -17.44
CA VAL A 39 -1.11 13.68 -17.87
C VAL A 39 -0.89 13.87 -19.37
N TYR A 40 0.05 13.14 -19.94
CA TYR A 40 0.24 13.16 -21.38
C TYR A 40 -1.05 12.63 -22.05
N LYS A 41 -1.52 11.49 -21.62
CA LYS A 41 -2.66 10.81 -22.21
C LYS A 41 -3.88 11.71 -22.05
N ALA A 42 -4.07 12.27 -20.85
CA ALA A 42 -5.23 13.09 -20.57
C ALA A 42 -5.32 14.32 -21.51
N SER A 43 -4.21 15.02 -21.68
CA SER A 43 -4.17 16.21 -22.51
C SER A 43 -4.20 15.86 -23.98
N ASP A 44 -3.53 14.76 -24.36
CA ASP A 44 -3.65 14.27 -25.74
C ASP A 44 -5.13 14.09 -26.17
N ILE A 45 -5.93 13.42 -25.33
CA ILE A 45 -7.36 13.18 -25.60
C ILE A 45 -8.06 14.51 -25.76
N VAL A 46 -7.98 15.39 -24.77
CA VAL A 46 -8.86 16.54 -24.81
C VAL A 46 -8.44 17.58 -25.86
N ILE A 47 -7.16 17.75 -26.05
CA ILE A 47 -6.64 18.71 -27.02
C ILE A 47 -6.72 18.14 -28.46
N ASN A 48 -6.19 16.95 -28.64
CA ASN A 48 -6.08 16.39 -30.00
C ASN A 48 -7.28 15.61 -30.51
N ASN A 49 -8.15 15.16 -29.62
CA ASN A 49 -9.33 14.45 -30.08
C ASN A 49 -10.68 15.19 -29.84
N LEU A 50 -10.77 16.01 -28.79
CA LEU A 50 -12.01 16.60 -28.32
C LEU A 50 -12.07 18.11 -28.41
N GLY A 51 -11.07 18.77 -28.96
CA GLY A 51 -11.28 20.18 -29.34
C GLY A 51 -11.06 21.20 -28.22
N ALA A 52 -10.47 20.78 -27.10
CA ALA A 52 -10.34 21.66 -25.94
C ALA A 52 -9.54 22.91 -26.28
N THR A 53 -10.01 24.03 -25.75
CA THR A 53 -9.24 25.27 -25.79
C THR A 53 -8.00 25.15 -24.86
N PRO A 54 -6.99 26.01 -25.03
CA PRO A 54 -5.83 25.98 -24.11
C PRO A 54 -6.20 26.11 -22.63
N GLU A 55 -7.14 26.98 -22.30
CA GLU A 55 -7.53 27.19 -20.92
C GLU A 55 -8.26 25.96 -20.38
N GLN A 56 -9.11 25.38 -21.21
CA GLN A 56 -9.87 24.18 -20.85
C GLN A 56 -8.92 22.99 -20.63
N ALA A 57 -7.94 22.85 -21.52
CA ALA A 57 -6.95 21.76 -21.41
C ALA A 57 -6.13 21.88 -20.14
N LYS A 58 -5.79 23.11 -19.77
CA LYS A 58 -4.96 23.32 -18.56
C LYS A 58 -5.78 22.99 -17.28
N ARG A 59 -7.03 23.39 -17.27
CA ARG A 59 -7.91 23.10 -16.15
C ARG A 59 -8.06 21.60 -15.96
N HIS A 60 -8.32 20.90 -17.07
CA HIS A 60 -8.35 19.43 -17.11
C HIS A 60 -7.05 18.76 -16.64
N LYS A 61 -5.89 19.23 -17.14
CA LYS A 61 -4.59 18.71 -16.73
C LYS A 61 -4.41 18.84 -15.22
N ASP A 62 -4.79 19.98 -14.68
CA ASP A 62 -4.61 20.21 -13.26
C ASP A 62 -5.43 19.20 -12.46
N ALA A 63 -6.65 18.95 -12.92
CA ALA A 63 -7.54 18.04 -12.20
C ALA A 63 -7.04 16.58 -12.28
N VAL A 64 -6.56 16.15 -13.44
CA VAL A 64 -5.96 14.80 -13.62
C VAL A 64 -4.70 14.62 -12.78
N GLU A 65 -3.81 15.62 -12.80
CA GLU A 65 -2.65 15.69 -11.94
C GLU A 65 -2.99 15.45 -10.46
N ALA A 66 -3.96 16.20 -9.96
CA ALA A 66 -4.34 16.11 -8.56
C ALA A 66 -5.03 14.78 -8.23
N PHE A 67 -5.80 14.23 -9.18
CA PHE A 67 -6.45 12.89 -9.02
C PHE A 67 -5.40 11.78 -8.83
N PHE A 68 -4.58 11.55 -9.85
CA PHE A 68 -3.55 10.57 -9.71
C PHE A 68 -2.51 10.94 -8.60
N GLY A 69 -2.28 12.21 -8.37
CA GLY A 69 -1.41 12.69 -7.30
C GLY A 69 -1.96 12.27 -5.95
N GLY A 70 -3.28 12.22 -5.84
CA GLY A 70 -3.94 11.76 -4.62
C GLY A 70 -3.78 10.28 -4.36
N ALA A 71 -3.53 9.54 -5.43
CA ALA A 71 -3.19 8.10 -5.35
C ALA A 71 -1.70 7.90 -5.26
N GLY A 72 -0.94 8.99 -5.06
CA GLY A 72 0.46 8.88 -4.76
C GLY A 72 1.45 8.94 -5.94
N LYS A 74 3.65 10.56 -8.95
CA LYS A 74 4.45 11.75 -9.05
C LYS A 74 5.25 11.86 -10.34
N TYR A 75 5.52 13.08 -10.76
CA TYR A 75 6.37 13.28 -11.93
C TYR A 75 7.77 12.69 -11.70
N GLY A 76 8.29 11.99 -12.72
CA GLY A 76 9.58 11.35 -12.65
C GLY A 76 9.66 10.09 -11.80
N VAL A 77 8.51 9.58 -11.35
CA VAL A 77 8.48 8.40 -10.50
C VAL A 77 7.70 7.30 -11.20
N GLU A 78 8.21 6.07 -11.22
CA GLU A 78 7.46 4.98 -11.82
C GLU A 78 6.73 4.24 -10.68
N THR A 79 5.42 4.13 -10.85
CA THR A 79 4.56 3.47 -9.89
C THR A 79 4.25 2.05 -10.32
N ASP A 80 4.67 1.07 -9.52
CA ASP A 80 4.29 -0.33 -9.79
C ASP A 80 2.94 -0.68 -9.18
N TRP A 81 2.44 -1.86 -9.50
CA TRP A 81 1.12 -2.25 -9.03
C TRP A 81 0.99 -2.17 -7.47
N PRO A 82 1.88 -2.79 -6.70
CA PRO A 82 1.74 -2.71 -5.22
C PRO A 82 1.63 -1.26 -4.70
N ALA A 83 2.43 -0.34 -5.23
CA ALA A 83 2.36 1.08 -4.79
C ALA A 83 1.08 1.71 -5.28
N TYR A 84 0.64 1.33 -6.48
CA TYR A 84 -0.56 1.88 -7.10
C TYR A 84 -1.77 1.54 -6.25
N ILE A 85 -1.92 0.28 -5.89
CA ILE A 85 -3.12 -0.09 -5.14
C ILE A 85 -3.09 0.44 -3.72
N GLU A 86 -1.93 0.49 -3.11
CA GLU A 86 -1.76 1.17 -1.80
C GLU A 86 -2.21 2.65 -1.86
N GLY A 87 -1.70 3.40 -2.84
CA GLY A 87 -2.11 4.77 -3.08
C GLY A 87 -3.58 4.94 -3.34
N TRP A 88 -4.16 4.00 -4.08
CA TRP A 88 -5.57 4.05 -4.39
C TRP A 88 -6.45 3.94 -3.15
N LYS A 89 -6.05 3.09 -2.19
CA LYS A 89 -6.74 3.07 -0.89
C LYS A 89 -6.73 4.39 -0.16
N LYS A 90 -5.61 5.10 -0.22
CA LYS A 90 -5.52 6.41 0.38
C LYS A 90 -6.42 7.40 -0.34
N LEU A 91 -6.35 7.43 -1.69
CA LEU A 91 -7.20 8.29 -2.48
C LEU A 91 -8.69 8.07 -2.15
N ALA A 92 -9.16 6.84 -2.23
CA ALA A 92 -10.56 6.54 -1.94
C ALA A 92 -10.97 6.98 -0.52
N THR A 93 -10.09 6.75 0.43
CA THR A 93 -10.40 7.09 1.83
C THR A 93 -10.57 8.59 1.94
N ASP A 94 -9.63 9.34 1.36
CA ASP A 94 -9.68 10.79 1.41
C ASP A 94 -10.91 11.39 0.72
N GLU A 95 -11.25 10.86 -0.46
CA GLU A 95 -12.44 11.25 -1.22
C GLU A 95 -13.72 11.02 -0.45
N LEU A 96 -13.81 9.86 0.22
CA LEU A 96 -15.03 9.49 0.94
C LEU A 96 -15.14 10.34 2.19
N GLU A 97 -14.02 10.71 2.78
CA GLU A 97 -14.07 11.65 3.90
C GLU A 97 -14.55 13.05 3.47
N LYS A 98 -14.10 13.51 2.32
CA LYS A 98 -14.55 14.82 1.81
C LYS A 98 -16.06 14.79 1.46
N TYR A 99 -16.49 13.74 0.75
CA TYR A 99 -17.89 13.49 0.46
C TYR A 99 -18.75 13.55 1.73
N ALA A 100 -18.32 12.85 2.77
CA ALA A 100 -19.12 12.72 4.02
C ALA A 100 -19.24 14.10 4.69
N LYS A 101 -18.25 14.94 4.46
CA LYS A 101 -18.25 16.33 4.93
C LYS A 101 -18.79 17.40 3.98
N ASN A 102 -19.35 17.02 2.83
CA ASN A 102 -19.90 17.93 1.81
C ASN A 102 -18.86 18.90 1.26
N GLU A 103 -17.66 18.38 1.09
CA GLU A 103 -16.57 19.12 0.49
C GLU A 103 -16.29 18.56 -0.90
N PRO A 104 -15.86 19.42 -1.82
CA PRO A 104 -15.59 19.00 -3.18
C PRO A 104 -14.53 17.90 -3.25
N THR A 105 -14.83 16.87 -4.03
CA THR A 105 -13.92 15.76 -4.23
C THR A 105 -13.11 16.01 -5.50
N LEU A 106 -12.01 15.27 -5.65
CA LEU A 106 -11.13 15.40 -6.84
C LEU A 106 -11.86 14.83 -8.06
N ILE A 107 -12.68 13.80 -7.85
CA ILE A 107 -13.48 13.30 -8.97
C ILE A 107 -14.54 14.29 -9.48
N ARG A 108 -15.15 15.07 -8.59
CA ARG A 108 -16.07 16.14 -8.99
C ARG A 108 -15.30 17.24 -9.77
N ILE A 109 -14.14 17.64 -9.25
CA ILE A 109 -13.35 18.71 -9.87
C ILE A 109 -12.97 18.33 -11.31
N TRP A 110 -12.57 17.09 -11.47
CA TRP A 110 -12.21 16.54 -12.77
C TRP A 110 -13.42 16.45 -13.66
N GLY A 111 -14.54 15.87 -13.14
CA GLY A 111 -15.74 15.84 -13.92
C GLY A 111 -16.17 17.21 -14.43
N ASP A 112 -16.12 18.24 -13.58
CA ASP A 112 -16.56 19.56 -14.02
C ASP A 112 -15.62 20.10 -15.15
N ALA A 113 -14.33 19.80 -15.03
CA ALA A 113 -13.37 20.19 -16.07
C ALA A 113 -13.61 19.44 -17.40
N LEU A 114 -13.86 18.16 -17.30
CA LEU A 114 -14.08 17.33 -18.49
C LEU A 114 -15.39 17.68 -19.14
N PHE A 115 -16.47 17.84 -18.35
CA PHE A 115 -17.75 18.16 -18.94
C PHE A 115 -17.75 19.51 -19.67
N ASP A 116 -17.00 20.50 -19.20
CA ASP A 116 -16.86 21.79 -19.90
C ASP A 116 -16.35 21.58 -21.32
N ILE A 117 -15.57 20.53 -21.50
CA ILE A 117 -15.02 20.24 -22.81
C ILE A 117 -15.95 19.41 -23.65
N VAL A 118 -16.55 18.41 -23.03
CA VAL A 118 -17.32 17.40 -23.75
C VAL A 118 -18.79 17.80 -24.12
N ASP A 119 -19.43 18.55 -23.25
CA ASP A 119 -20.78 19.06 -23.45
C ASP A 119 -20.71 20.26 -24.39
N LYS A 120 -21.23 20.11 -25.60
CA LYS A 120 -21.29 21.20 -26.57
C LYS A 120 -21.91 22.47 -25.97
N ASP A 121 -22.89 22.31 -25.08
CA ASP A 121 -23.57 23.47 -24.49
C ASP A 121 -23.02 24.05 -23.18
N GLN A 122 -22.02 23.38 -22.60
CA GLN A 122 -21.37 23.83 -21.37
C GLN A 122 -22.38 24.10 -20.25
N ASN A 123 -23.36 23.19 -20.17
CA ASN A 123 -24.37 23.23 -19.12
C ASN A 123 -24.32 22.04 -18.12
N GLY A 124 -23.20 21.32 -18.13
CA GLY A 124 -22.98 20.25 -17.19
C GLY A 124 -23.70 18.95 -17.52
N ALA A 125 -23.92 18.68 -18.80
CA ALA A 125 -24.53 17.39 -19.12
C ALA A 125 -24.18 16.91 -20.50
N ILE A 126 -24.08 15.58 -20.65
CA ILE A 126 -23.65 15.09 -21.96
C ILE A 126 -24.63 14.12 -22.60
N THR A 127 -24.63 14.11 -23.93
CA THR A 127 -25.39 13.17 -24.75
C THR A 127 -24.64 11.87 -24.87
N LEU A 128 -25.32 10.84 -25.38
CA LEU A 128 -24.68 9.55 -25.63
C LEU A 128 -23.60 9.66 -26.67
N ASP A 129 -23.79 10.46 -27.72
CA ASP A 129 -22.79 10.56 -28.71
C ASP A 129 -21.56 11.22 -28.10
N GLU A 130 -21.74 12.19 -27.18
CA GLU A 130 -20.60 12.84 -26.53
C GLU A 130 -19.86 11.87 -25.58
N TRP A 131 -20.60 11.01 -24.89
CA TRP A 131 -20.00 9.99 -24.05
C TRP A 131 -19.22 8.99 -24.86
N LYS A 132 -19.75 8.56 -26.00
CA LYS A 132 -19.04 7.73 -26.96
C LYS A 132 -17.76 8.37 -27.46
N ALA A 133 -17.83 9.62 -27.86
CA ALA A 133 -16.65 10.34 -28.30
C ALA A 133 -15.52 10.31 -27.24
N TYR A 134 -15.81 10.69 -26.00
CA TYR A 134 -14.78 10.70 -24.95
C TYR A 134 -14.24 9.29 -24.67
N THR A 135 -15.13 8.36 -24.34
CA THR A 135 -14.65 7.08 -23.88
C THR A 135 -13.89 6.31 -24.95
N LYS A 136 -14.29 6.43 -26.21
CA LYS A 136 -13.61 5.70 -27.27
C LYS A 136 -12.27 6.38 -27.62
N ALA A 137 -12.17 7.72 -27.48
CA ALA A 137 -10.86 8.39 -27.61
C ALA A 137 -9.90 7.93 -26.51
N ALA A 138 -10.39 7.92 -25.27
CA ALA A 138 -9.59 7.46 -24.14
C ALA A 138 -9.25 5.95 -24.27
N GLY A 139 -10.19 5.20 -24.85
CA GLY A 139 -10.13 3.75 -24.94
C GLY A 139 -10.71 3.00 -23.78
N ILE A 140 -11.21 3.70 -22.77
CA ILE A 140 -11.76 3.03 -21.57
C ILE A 140 -13.03 2.19 -21.85
N ILE A 141 -13.77 2.63 -22.85
CA ILE A 141 -14.83 1.83 -23.50
C ILE A 141 -14.55 1.77 -25.01
N GLN A 142 -14.64 0.57 -25.61
CA GLN A 142 -14.37 0.37 -27.04
C GLN A 142 -15.66 0.25 -27.86
N SER A 143 -16.72 -0.34 -27.32
CA SER A 143 -17.95 -0.56 -28.11
C SER A 143 -19.10 0.37 -27.75
N SER A 144 -19.96 0.68 -28.74
CA SER A 144 -21.18 1.46 -28.51
C SER A 144 -22.13 0.81 -27.53
N GLU A 145 -22.27 -0.52 -27.59
CA GLU A 145 -23.12 -1.23 -26.65
C GLU A 145 -22.76 -0.95 -25.20
N ASP A 146 -21.46 -0.95 -24.90
CA ASP A 146 -21.03 -0.70 -23.53
C ASP A 146 -21.29 0.77 -23.14
N CYS A 147 -21.01 1.73 -24.03
CA CYS A 147 -21.37 3.14 -23.79
C CYS A 147 -22.85 3.34 -23.48
N GLU A 148 -23.67 2.58 -24.18
CA GLU A 148 -25.14 2.59 -23.99
C GLU A 148 -25.55 2.09 -22.62
N GLU A 149 -24.81 1.12 -22.09
CA GLU A 149 -25.12 0.58 -20.81
C GLU A 149 -24.94 1.64 -19.73
N THR A 150 -23.99 2.54 -19.93
CA THR A 150 -23.83 3.65 -18.99
C THR A 150 -25.14 4.43 -18.80
N PHE A 151 -25.81 4.72 -19.92
CA PHE A 151 -27.05 5.53 -19.88
C PHE A 151 -28.19 4.71 -19.27
N ARG A 152 -28.10 3.38 -19.27
CA ARG A 152 -29.07 2.52 -18.58
C ARG A 152 -28.90 2.52 -17.06
N VAL A 153 -27.64 2.44 -16.64
CA VAL A 153 -27.30 2.39 -15.24
C VAL A 153 -27.58 3.72 -14.55
N CYS A 154 -27.28 4.84 -15.19
CA CYS A 154 -27.44 6.14 -14.54
C CYS A 154 -28.85 6.66 -14.70
N ASP A 155 -29.20 7.60 -13.83
CA ASP A 155 -30.44 8.35 -13.96
C ASP A 155 -30.23 9.49 -14.95
N ILE A 156 -30.95 9.39 -16.07
CA ILE A 156 -30.85 10.30 -17.20
C ILE A 156 -31.96 11.36 -17.10
N ASP A 157 -31.67 12.59 -17.49
CA ASP A 157 -32.68 13.66 -17.44
C ASP A 157 -33.66 13.52 -18.62
N GLU A 158 -34.71 14.34 -18.64
CA GLU A 158 -35.79 14.15 -19.62
C GLU A 158 -35.33 14.41 -21.07
N SER A 159 -34.28 15.22 -21.24
CA SER A 159 -33.69 15.40 -22.57
C SER A 159 -32.71 14.28 -22.99
N GLY A 160 -32.53 13.24 -22.18
CA GLY A 160 -31.62 12.14 -22.53
C GLY A 160 -30.12 12.44 -22.37
N GLN A 161 -29.79 13.24 -21.36
CA GLN A 161 -28.42 13.63 -21.08
C GLN A 161 -28.04 13.18 -19.67
N LEU A 162 -26.74 12.92 -19.52
CA LEU A 162 -26.16 12.45 -18.28
C LEU A 162 -25.49 13.67 -17.68
N ASP A 163 -25.98 14.08 -16.56
CA ASP A 163 -25.49 15.28 -15.91
C ASP A 163 -24.33 14.97 -14.94
N VAL A 164 -23.46 15.96 -14.70
CA VAL A 164 -22.28 15.77 -13.89
C VAL A 164 -22.60 15.41 -12.44
N ASP A 165 -23.68 15.95 -11.89
CA ASP A 165 -24.10 15.52 -10.56
C ASP A 165 -24.33 14.00 -10.48
N GLU A 166 -25.06 13.48 -11.42
CA GLU A 166 -25.34 12.04 -11.45
C GLU A 166 -24.06 11.22 -11.72
N THR A 168 -20.98 12.04 -11.02
CA THR A 168 -20.12 12.09 -9.85
C THR A 168 -20.55 11.06 -8.80
N ARG A 169 -21.86 11.02 -8.53
CA ARG A 169 -22.35 10.02 -7.61
C ARG A 169 -22.03 8.58 -8.05
N GLN A 170 -22.27 8.28 -9.31
CA GLN A 170 -22.01 6.96 -9.86
C GLN A 170 -20.52 6.63 -9.79
N HIS A 171 -19.65 7.59 -10.08
CA HIS A 171 -18.22 7.34 -9.99
C HIS A 171 -17.72 7.16 -8.55
N LEU A 172 -18.32 7.85 -7.57
CA LEU A 172 -17.97 7.63 -6.17
C LEU A 172 -18.22 6.19 -5.80
N GLY A 173 -19.38 5.68 -6.21
CA GLY A 173 -19.80 4.31 -5.94
C GLY A 173 -18.95 3.31 -6.71
N PHE A 174 -18.67 3.60 -7.96
CA PHE A 174 -17.99 2.62 -8.83
C PHE A 174 -16.51 2.51 -8.53
N TRP A 175 -15.85 3.64 -8.32
CA TRP A 175 -14.40 3.60 -8.15
C TRP A 175 -13.98 3.50 -6.67
N TYR A 176 -14.80 3.98 -5.71
CA TYR A 176 -14.32 4.04 -4.32
C TYR A 176 -14.98 3.01 -3.39
N THR A 177 -16.14 2.50 -3.76
CA THR A 177 -16.97 1.73 -2.82
C THR A 177 -17.49 0.36 -3.26
N ASP A 179 -20.37 -0.03 -4.48
CA ASP A 179 -21.81 0.15 -4.43
C ASP A 179 -22.41 -0.75 -5.51
N PRO A 180 -23.29 -1.68 -5.14
CA PRO A 180 -23.83 -2.57 -6.17
C PRO A 180 -24.79 -1.88 -7.11
N ALA A 181 -25.29 -0.70 -6.75
CA ALA A 181 -26.11 0.10 -7.64
C ALA A 181 -25.39 0.57 -8.92
N CYS A 182 -24.08 0.69 -8.84
CA CYS A 182 -23.23 1.16 -9.96
C CYS A 182 -22.61 0.07 -10.84
N GLU A 183 -22.95 -1.21 -10.62
CA GLU A 183 -22.37 -2.25 -11.47
C GLU A 183 -22.75 -2.02 -12.91
N LYS A 184 -21.82 -2.36 -13.78
CA LYS A 184 -21.96 -2.22 -15.21
C LYS A 184 -22.01 -0.77 -15.66
N LEU A 185 -21.45 0.16 -14.88
CA LEU A 185 -21.44 1.57 -15.23
C LEU A 185 -20.74 1.81 -16.58
N TYR A 186 -19.72 1.00 -16.87
CA TYR A 186 -18.96 1.05 -18.14
C TYR A 186 -19.28 -0.16 -18.97
N GLY A 187 -20.46 -0.72 -18.74
CA GLY A 187 -20.87 -1.93 -19.43
C GLY A 187 -19.89 -3.07 -19.16
N GLY A 188 -19.61 -3.86 -20.18
CA GLY A 188 -18.64 -4.92 -20.04
C GLY A 188 -17.17 -4.47 -20.14
N ALA A 189 -16.93 -3.17 -20.38
CA ALA A 189 -15.59 -2.70 -20.59
C ALA A 189 -14.70 -2.70 -19.33
N VAL A 190 -15.25 -2.49 -18.15
CA VAL A 190 -14.49 -2.45 -16.91
C VAL A 190 -15.29 -3.31 -15.93
N PRO A 191 -14.68 -4.35 -15.40
CA PRO A 191 -15.38 -5.22 -14.43
C PRO A 191 -15.63 -4.54 -13.09
N LEU B 5 24.52 -4.54 0.49
CA LEU B 5 25.38 -5.47 1.26
C LEU B 5 26.48 -4.81 2.15
N THR B 6 26.51 -3.47 2.15
CA THR B 6 27.42 -2.70 3.00
C THR B 6 26.59 -2.02 4.06
N SER B 7 27.17 -1.82 5.23
CA SER B 7 26.51 -1.15 6.33
C SER B 7 26.58 0.38 6.18
N ASP B 8 25.89 1.10 7.07
CA ASP B 8 25.68 2.56 6.91
C ASP B 8 25.53 3.17 8.31
N PHE B 9 26.48 2.82 9.18
CA PHE B 9 26.44 3.15 10.62
C PHE B 9 26.44 4.61 10.99
N ASP B 10 26.95 5.51 10.14
CA ASP B 10 26.84 6.94 10.46
C ASP B 10 25.57 7.62 9.92
N ASN B 11 24.69 6.86 9.27
CA ASN B 11 23.43 7.37 8.76
C ASN B 11 22.51 7.65 9.94
N PRO B 12 22.11 8.89 10.18
CA PRO B 12 21.21 9.19 11.33
C PRO B 12 19.91 8.40 11.31
N ARG B 13 19.45 8.00 10.13
CA ARG B 13 18.26 7.15 10.00
C ARG B 13 18.50 5.70 10.44
N TRP B 14 19.74 5.20 10.33
CA TRP B 14 20.06 3.88 10.89
C TRP B 14 20.08 3.96 12.39
N ILE B 15 20.76 4.98 12.87
CA ILE B 15 20.90 5.16 14.33
C ILE B 15 19.52 5.32 14.95
N GLY B 16 18.66 6.10 14.29
CA GLY B 16 17.31 6.43 14.73
C GLY B 16 16.32 5.27 14.68
N ARG B 17 16.55 4.39 13.72
CA ARG B 17 15.73 3.19 13.59
C ARG B 17 15.96 2.30 14.82
N HIS B 18 17.25 2.11 15.17
CA HIS B 18 17.57 1.34 16.34
C HIS B 18 17.24 2.04 17.68
N LYS B 19 17.28 3.37 17.72
CA LYS B 19 16.92 4.07 18.94
C LYS B 19 15.39 3.96 19.17
N HIS B 20 14.62 3.98 18.10
CA HIS B 20 13.18 3.69 18.15
C HIS B 20 12.93 2.34 18.85
N PHE B 22 15.02 0.56 20.74
CA PHE B 22 15.51 0.62 22.13
C PHE B 22 14.44 1.21 23.01
N ASN B 23 13.87 2.34 22.58
CA ASN B 23 12.83 3.01 23.37
C ASN B 23 11.55 2.19 23.48
N PHE B 24 11.21 1.47 22.41
CA PHE B 24 10.03 0.61 22.41
C PHE B 24 10.27 -0.60 23.36
N LEU B 25 11.46 -1.18 23.28
CA LEU B 25 11.80 -2.30 24.19
C LEU B 25 11.94 -1.87 25.65
N ASP B 26 12.23 -0.59 25.87
CA ASP B 26 12.44 -0.05 27.24
C ASP B 26 11.10 0.44 27.69
N VAL B 27 10.22 -0.54 27.90
CA VAL B 27 8.80 -0.24 28.00
C VAL B 27 8.46 0.74 29.15
N ASN B 28 9.18 0.63 30.25
CA ASN B 28 9.00 1.54 31.35
C ASN B 28 9.97 2.77 31.39
N HIS B 29 10.69 3.02 30.32
CA HIS B 29 11.64 4.15 30.29
C HIS B 29 12.66 4.17 31.45
N ASN B 30 13.31 3.05 31.70
CA ASN B 30 14.42 3.00 32.59
C ASN B 30 15.74 3.51 32.01
N GLY B 31 15.86 3.59 30.69
CA GLY B 31 17.12 3.99 30.06
C GLY B 31 18.08 2.85 29.90
N LYS B 32 17.58 1.64 30.18
CA LYS B 32 18.40 0.45 30.04
C LYS B 32 17.50 -0.78 29.96
N ILE B 33 17.99 -1.80 29.27
CA ILE B 33 17.27 -3.07 29.08
C ILE B 33 18.21 -4.23 29.28
N SER B 34 17.67 -5.35 29.78
CA SER B 34 18.49 -6.54 29.99
C SER B 34 18.08 -7.69 29.07
N LEU B 35 19.00 -8.63 28.89
CA LEU B 35 18.63 -9.82 28.11
C LEU B 35 17.49 -10.56 28.77
N ASP B 36 17.47 -10.54 30.10
CA ASP B 36 16.40 -11.18 30.83
C ASP B 36 15.04 -10.67 30.38
N GLU B 37 14.92 -9.35 30.16
CA GLU B 37 13.68 -8.75 29.79
C GLU B 37 13.36 -9.14 28.34
N VAL B 39 14.15 -11.92 26.59
CA VAL B 39 13.74 -13.31 26.43
C VAL B 39 12.44 -13.55 27.19
N TYR B 40 12.18 -12.80 28.25
CA TYR B 40 10.83 -12.83 28.87
C TYR B 40 9.77 -12.39 27.83
N LYS B 41 9.94 -11.21 27.26
CA LYS B 41 9.00 -10.68 26.31
C LYS B 41 8.77 -11.66 25.18
N ALA B 42 9.84 -12.19 24.64
CA ALA B 42 9.73 -13.10 23.49
C ALA B 42 8.90 -14.34 23.78
N SER B 43 9.13 -14.96 24.91
CA SER B 43 8.44 -16.17 25.28
C SER B 43 7.00 -15.88 25.71
N ASP B 44 6.78 -14.74 26.34
CA ASP B 44 5.46 -14.32 26.73
C ASP B 44 4.56 -14.22 25.50
N ILE B 45 5.06 -13.56 24.44
CA ILE B 45 4.33 -13.46 23.17
C ILE B 45 4.03 -14.85 22.60
N VAL B 46 5.06 -15.67 22.37
CA VAL B 46 4.76 -16.89 21.61
C VAL B 46 3.98 -17.92 22.43
N ILE B 47 4.24 -18.02 23.72
CA ILE B 47 3.53 -18.97 24.57
C ILE B 47 2.12 -18.47 24.91
N ASN B 48 2.03 -17.25 25.39
CA ASN B 48 0.79 -16.73 25.96
C ASN B 48 -0.15 -16.11 24.96
N ASN B 49 0.36 -15.69 23.79
CA ASN B 49 -0.48 -15.12 22.75
C ASN B 49 -0.59 -15.94 21.45
N LEU B 50 0.43 -16.67 21.07
CA LEU B 50 0.45 -17.33 19.77
C LEU B 50 0.46 -18.87 19.80
N GLY B 51 0.23 -19.48 20.97
CA GLY B 51 0.03 -20.93 21.03
C GLY B 51 1.21 -21.86 20.83
N ALA B 52 2.42 -21.36 21.07
CA ALA B 52 3.60 -22.17 20.87
C ALA B 52 3.58 -23.37 21.78
N THR B 53 3.99 -24.51 21.22
CA THR B 53 4.34 -25.68 22.05
C THR B 53 5.54 -25.42 22.92
N PRO B 54 5.78 -26.25 23.94
CA PRO B 54 6.99 -26.10 24.75
C PRO B 54 8.30 -26.19 23.92
N GLU B 55 8.41 -27.15 22.99
CA GLU B 55 9.61 -27.31 22.16
C GLU B 55 9.79 -26.09 21.22
N GLN B 56 8.70 -25.65 20.63
CA GLN B 56 8.74 -24.42 19.78
C GLN B 56 9.18 -23.17 20.52
N ALA B 57 8.67 -23.00 21.73
CA ALA B 57 9.02 -21.86 22.59
C ALA B 57 10.48 -21.86 22.97
N LYS B 58 11.03 -23.02 23.35
CA LYS B 58 12.43 -23.14 23.67
C LYS B 58 13.30 -22.87 22.48
N ARG B 59 12.89 -23.34 21.29
CA ARG B 59 13.64 -23.06 20.08
C ARG B 59 13.67 -21.55 19.78
N HIS B 60 12.54 -20.90 19.98
CA HIS B 60 12.37 -19.47 19.75
C HIS B 60 13.19 -18.69 20.80
N LYS B 61 13.21 -19.15 22.03
CA LYS B 61 13.92 -18.45 23.09
C LYS B 61 15.42 -18.50 22.79
N ASP B 62 15.91 -19.64 22.34
CA ASP B 62 17.32 -19.77 22.05
C ASP B 62 17.69 -18.82 20.93
N ALA B 63 16.83 -18.70 19.92
CA ALA B 63 17.16 -17.82 18.78
C ALA B 63 17.23 -16.32 19.20
N VAL B 64 16.29 -15.92 20.02
CA VAL B 64 16.22 -14.52 20.52
C VAL B 64 17.38 -14.21 21.46
N GLU B 65 17.72 -15.17 22.33
CA GLU B 65 18.87 -15.07 23.20
C GLU B 65 20.16 -14.85 22.36
N ALA B 66 20.28 -15.60 21.27
CA ALA B 66 21.50 -15.50 20.41
C ALA B 66 21.52 -14.19 19.64
N PHE B 67 20.35 -13.70 19.23
CA PHE B 67 20.25 -12.45 18.44
C PHE B 67 20.67 -11.25 19.32
N PHE B 68 20.06 -11.07 20.46
CA PHE B 68 20.39 -9.96 21.33
C PHE B 68 21.77 -10.14 21.93
N GLY B 69 22.16 -11.39 22.18
CA GLY B 69 23.53 -11.75 22.59
C GLY B 69 24.60 -11.28 21.61
N GLY B 70 24.28 -11.32 20.32
CA GLY B 70 25.14 -10.86 19.24
C GLY B 70 25.37 -9.39 19.27
N ALA B 71 24.42 -8.68 19.88
CA ALA B 71 24.51 -7.25 20.11
C ALA B 71 25.04 -6.91 21.48
N GLY B 72 25.64 -7.89 22.17
CA GLY B 72 26.40 -7.65 23.39
C GLY B 72 25.59 -7.70 24.68
N LYS B 74 23.51 -9.39 27.83
CA LYS B 74 23.81 -10.56 28.68
C LYS B 74 22.85 -10.65 29.84
N TYR B 75 22.59 -11.86 30.31
CA TYR B 75 21.75 -12.01 31.51
C TYR B 75 22.42 -11.35 32.72
N GLY B 76 21.63 -10.64 33.51
CA GLY B 76 22.08 -9.93 34.70
C GLY B 76 22.75 -8.59 34.47
N VAL B 77 22.80 -8.14 33.21
CA VAL B 77 23.45 -6.91 32.86
C VAL B 77 22.44 -5.96 32.28
N GLU B 78 22.48 -4.69 32.70
CA GLU B 78 21.60 -3.69 32.15
C GLU B 78 22.33 -2.92 31.08
N THR B 79 21.78 -2.88 29.87
CA THR B 79 22.46 -2.31 28.75
C THR B 79 21.84 -0.95 28.47
N ASP B 80 22.63 0.09 28.54
CA ASP B 80 22.14 1.43 28.20
C ASP B 80 22.26 1.72 26.72
N TRP B 81 21.83 2.89 26.32
CA TRP B 81 21.77 3.20 24.87
C TRP B 81 23.15 3.20 24.21
N PRO B 82 24.12 3.95 24.72
CA PRO B 82 25.46 3.92 24.10
C PRO B 82 26.03 2.49 23.96
N ALA B 83 25.87 1.64 24.96
CA ALA B 83 26.30 0.26 24.85
C ALA B 83 25.47 -0.56 23.84
N TYR B 84 24.20 -0.22 23.74
CA TYR B 84 23.26 -0.92 22.88
C TYR B 84 23.64 -0.65 21.40
N ILE B 85 23.81 0.62 21.06
CA ILE B 85 24.09 0.93 19.66
C ILE B 85 25.50 0.47 19.22
N GLU B 86 26.47 0.50 20.10
CA GLU B 86 27.82 -0.01 19.83
C GLU B 86 27.77 -1.53 19.60
N GLY B 87 27.01 -2.27 20.41
CA GLY B 87 26.77 -3.67 20.13
C GLY B 87 26.01 -4.00 18.85
N TRP B 88 25.08 -3.11 18.44
CA TRP B 88 24.36 -3.33 17.22
C TRP B 88 25.29 -3.17 16.04
N LYS B 89 26.31 -2.33 16.16
CA LYS B 89 27.30 -2.30 15.06
C LYS B 89 28.04 -3.60 14.86
N LYS B 90 28.35 -4.28 15.95
CA LYS B 90 28.98 -5.58 15.86
C LYS B 90 28.01 -6.62 15.29
N LEU B 91 26.75 -6.65 15.78
CA LEU B 91 25.76 -7.60 15.29
C LEU B 91 25.59 -7.47 13.78
N ALA B 92 25.30 -6.26 13.34
CA ALA B 92 25.04 -6.03 11.92
C ALA B 92 26.24 -6.47 11.06
N THR B 93 27.44 -6.12 11.49
CA THR B 93 28.67 -6.52 10.76
C THR B 93 28.78 -8.06 10.65
N ASP B 94 28.59 -8.73 11.76
CA ASP B 94 28.65 -10.19 11.78
C ASP B 94 27.61 -10.80 10.88
N GLU B 95 26.38 -10.26 10.90
CA GLU B 95 25.28 -10.79 10.15
C GLU B 95 25.52 -10.66 8.63
N LEU B 96 25.99 -9.47 8.22
CA LEU B 96 26.29 -9.24 6.82
C LEU B 96 27.45 -10.12 6.34
N GLU B 97 28.41 -10.39 7.22
CA GLU B 97 29.54 -11.27 6.85
C GLU B 97 29.02 -12.69 6.61
N LYS B 98 28.21 -13.18 7.55
CA LYS B 98 27.56 -14.47 7.33
C LYS B 98 26.76 -14.54 6.03
N TYR B 99 25.91 -13.55 5.79
CA TYR B 99 25.05 -13.58 4.62
C TYR B 99 25.85 -13.64 3.30
N ALA B 100 26.98 -12.94 3.30
CA ALA B 100 27.77 -12.81 2.05
C ALA B 100 28.48 -14.13 1.80
N LYS B 101 28.68 -14.90 2.86
CA LYS B 101 29.36 -16.21 2.82
C LYS B 101 28.39 -17.37 2.73
N ASN B 102 27.12 -17.04 2.62
CA ASN B 102 26.09 -18.05 2.57
C ASN B 102 26.00 -18.94 3.80
N GLU B 103 26.17 -18.33 4.96
CA GLU B 103 26.07 -19.01 6.23
C GLU B 103 24.79 -18.47 6.91
N PRO B 104 24.03 -19.33 7.59
CA PRO B 104 22.78 -18.86 8.23
C PRO B 104 23.02 -17.69 9.16
N THR B 105 22.21 -16.65 9.05
CA THR B 105 22.29 -15.50 9.96
C THR B 105 21.44 -15.76 11.20
N LEU B 106 21.70 -15.00 12.23
CA LEU B 106 20.88 -15.10 13.45
C LEU B 106 19.45 -14.71 13.19
N ILE B 107 19.23 -13.72 12.34
CA ILE B 107 17.90 -13.31 12.01
C ILE B 107 17.15 -14.36 11.18
N ARG B 108 17.86 -15.14 10.36
CA ARG B 108 17.24 -16.26 9.67
C ARG B 108 16.87 -17.38 10.68
N ILE B 109 17.76 -17.69 11.61
CA ILE B 109 17.50 -18.74 12.60
C ILE B 109 16.26 -18.37 13.42
N TRP B 110 16.15 -17.09 13.80
CA TRP B 110 14.96 -16.58 14.56
C TRP B 110 13.71 -16.65 13.72
N GLY B 111 13.79 -16.18 12.48
CA GLY B 111 12.70 -16.27 11.54
C GLY B 111 12.14 -17.67 11.41
N ASP B 112 13.03 -18.65 11.22
CA ASP B 112 12.61 -20.02 11.06
C ASP B 112 11.85 -20.49 12.31
N ALA B 113 12.39 -20.17 13.47
CA ALA B 113 11.71 -20.56 14.72
C ALA B 113 10.38 -19.81 14.93
N LEU B 114 10.31 -18.51 14.59
CA LEU B 114 9.07 -17.76 14.74
C LEU B 114 8.01 -18.22 13.73
N PHE B 115 8.43 -18.44 12.48
CA PHE B 115 7.51 -18.91 11.47
C PHE B 115 6.97 -20.30 11.72
N ASP B 116 7.69 -21.16 12.40
CA ASP B 116 7.14 -22.46 12.76
C ASP B 116 5.94 -22.31 13.70
N ILE B 117 5.95 -21.27 14.51
CA ILE B 117 4.86 -20.98 15.42
C ILE B 117 3.70 -20.26 14.75
N VAL B 118 4.02 -19.27 13.90
CA VAL B 118 3.07 -18.33 13.37
C VAL B 118 2.34 -18.92 12.12
N ASP B 119 3.03 -19.71 11.33
CA ASP B 119 2.48 -20.32 10.10
C ASP B 119 1.75 -21.58 10.49
N LYS B 120 0.43 -21.54 10.50
CA LYS B 120 -0.39 -22.73 10.86
C LYS B 120 0.00 -23.99 10.03
N ASP B 121 0.53 -23.79 8.82
CA ASP B 121 0.93 -24.93 7.94
C ASP B 121 2.39 -25.38 8.02
N GLN B 122 3.19 -24.64 8.83
CA GLN B 122 4.61 -24.95 9.11
C GLN B 122 5.44 -25.24 7.90
N ASN B 123 5.24 -24.41 6.89
CA ASN B 123 5.93 -24.54 5.63
C ASN B 123 6.75 -23.28 5.28
N GLY B 124 7.10 -22.48 6.30
CA GLY B 124 7.95 -21.30 6.17
C GLY B 124 7.37 -20.05 5.52
N ALA B 125 6.05 -19.83 5.65
CA ALA B 125 5.41 -18.64 5.08
C ALA B 125 4.14 -18.29 5.81
N ILE B 126 3.88 -17.00 5.91
CA ILE B 126 2.74 -16.53 6.66
C ILE B 126 1.78 -15.67 5.83
N THR B 127 0.51 -15.76 6.19
CA THR B 127 -0.54 -14.87 5.67
C THR B 127 -0.47 -13.50 6.33
N LEU B 128 -1.10 -12.53 5.70
CA LEU B 128 -1.20 -11.21 6.35
C LEU B 128 -1.89 -11.25 7.75
N ASP B 129 -2.91 -12.08 7.89
CA ASP B 129 -3.60 -12.19 9.16
C ASP B 129 -2.61 -12.71 10.22
N GLU B 130 -1.75 -13.64 9.83
CA GLU B 130 -0.75 -14.17 10.78
C GLU B 130 0.31 -13.12 11.19
N TRP B 131 0.74 -12.34 10.20
CA TRP B 131 1.68 -11.23 10.45
C TRP B 131 1.07 -10.20 11.39
N LYS B 132 -0.20 -9.91 11.18
CA LYS B 132 -0.98 -9.06 12.10
C LYS B 132 -1.03 -9.65 13.52
N ALA B 133 -1.30 -10.94 13.65
CA ALA B 133 -1.34 -11.58 14.97
C ALA B 133 0.01 -11.44 15.72
N TYR B 134 1.13 -11.73 15.06
CA TYR B 134 2.43 -11.60 15.67
C TYR B 134 2.76 -10.12 16.06
N THR B 135 2.67 -9.22 15.07
CA THR B 135 3.24 -7.91 15.30
C THR B 135 2.41 -7.15 16.30
N LYS B 136 1.11 -7.37 16.30
CA LYS B 136 0.24 -6.69 17.28
C LYS B 136 0.41 -7.24 18.72
N ALA B 137 0.61 -8.54 18.85
CA ALA B 137 0.95 -9.13 20.16
C ALA B 137 2.25 -8.56 20.69
N ALA B 138 3.28 -8.55 19.83
CA ALA B 138 4.56 -7.98 20.20
C ALA B 138 4.45 -6.49 20.49
N GLY B 139 3.62 -5.79 19.72
CA GLY B 139 3.47 -4.33 19.80
C GLY B 139 4.37 -3.58 18.83
N ILE B 140 5.19 -4.28 18.05
CA ILE B 140 6.10 -3.61 17.08
C ILE B 140 5.36 -2.87 15.93
N ILE B 141 4.24 -3.41 15.53
CA ILE B 141 3.24 -2.74 14.68
C ILE B 141 1.89 -2.77 15.39
N GLN B 142 1.20 -1.64 15.42
CA GLN B 142 -0.08 -1.54 16.08
C GLN B 142 -1.30 -1.50 15.17
N SER B 143 -1.15 -0.98 13.95
CA SER B 143 -2.26 -0.79 13.03
C SER B 143 -2.25 -1.77 11.89
N SER B 144 -3.42 -2.16 11.46
CA SER B 144 -3.54 -3.04 10.30
C SER B 144 -2.94 -2.37 9.04
N GLU B 145 -3.08 -1.06 8.91
CA GLU B 145 -2.58 -0.38 7.72
C GLU B 145 -1.06 -0.51 7.59
N ASP B 146 -0.36 -0.42 8.72
CA ASP B 146 1.08 -0.61 8.71
C ASP B 146 1.43 -2.06 8.42
N CYS B 147 0.70 -3.02 8.97
CA CYS B 147 0.96 -4.45 8.66
C CYS B 147 0.82 -4.72 7.15
N GLU B 148 -0.18 -4.05 6.57
CA GLU B 148 -0.46 -4.16 5.15
C GLU B 148 0.68 -3.62 4.30
N GLU B 149 1.38 -2.58 4.79
CA GLU B 149 2.50 -2.03 4.06
C GLU B 149 3.66 -3.02 3.98
N THR B 150 3.83 -3.86 4.99
CA THR B 150 4.84 -4.91 4.90
C THR B 150 4.65 -5.75 3.61
N PHE B 151 3.42 -6.15 3.39
CA PHE B 151 3.05 -7.02 2.29
C PHE B 151 3.16 -6.24 0.98
N ARG B 152 3.09 -4.91 0.99
CA ARG B 152 3.41 -4.13 -0.21
C ARG B 152 4.88 -4.13 -0.55
N VAL B 153 5.73 -3.98 0.48
CA VAL B 153 7.13 -3.82 0.28
C VAL B 153 7.79 -5.17 -0.09
N CYS B 154 7.37 -6.24 0.56
CA CYS B 154 7.85 -7.60 0.29
C CYS B 154 7.32 -8.18 -1.08
N ASP B 155 8.12 -9.03 -1.70
CA ASP B 155 7.72 -9.91 -2.80
C ASP B 155 6.89 -11.03 -2.20
N ILE B 156 5.60 -11.07 -2.51
CA ILE B 156 4.69 -12.02 -1.88
C ILE B 156 4.58 -13.21 -2.85
N ASP B 157 4.40 -14.38 -2.29
CA ASP B 157 4.45 -15.62 -3.08
C ASP B 157 3.07 -15.86 -3.81
N GLU B 158 3.02 -16.97 -4.53
CA GLU B 158 1.89 -17.32 -5.39
C GLU B 158 0.63 -17.62 -4.63
N SER B 159 0.78 -17.90 -3.34
CA SER B 159 -0.35 -18.12 -2.49
C SER B 159 -0.74 -16.92 -1.66
N GLY B 160 -0.13 -15.77 -1.92
CA GLY B 160 -0.38 -14.56 -1.13
C GLY B 160 0.35 -14.50 0.22
N GLN B 161 1.38 -15.33 0.35
CA GLN B 161 2.14 -15.45 1.62
C GLN B 161 3.56 -14.84 1.58
N LEU B 162 4.05 -14.48 2.76
CA LEU B 162 5.35 -13.89 2.97
C LEU B 162 6.28 -15.00 3.48
N ASP B 163 7.26 -15.38 2.67
CA ASP B 163 8.06 -16.53 3.07
C ASP B 163 9.30 -16.07 3.83
N VAL B 164 9.85 -16.94 4.66
CA VAL B 164 10.99 -16.60 5.50
C VAL B 164 12.25 -16.16 4.71
N ASP B 165 12.49 -16.75 3.55
CA ASP B 165 13.60 -16.33 2.62
C ASP B 165 13.49 -14.86 2.28
N GLU B 166 12.31 -14.45 1.86
CA GLU B 166 12.03 -13.06 1.51
C GLU B 166 12.12 -12.13 2.73
N THR B 168 13.80 -12.47 5.42
CA THR B 168 15.22 -12.34 5.77
C THR B 168 15.96 -11.35 4.89
N ARG B 169 15.73 -11.38 3.59
CA ARG B 169 16.34 -10.40 2.68
C ARG B 169 15.87 -9.00 3.00
N GLN B 170 14.62 -8.83 3.38
CA GLN B 170 14.07 -7.49 3.64
C GLN B 170 14.64 -6.98 4.97
N HIS B 171 14.70 -7.85 5.97
CA HIS B 171 15.36 -7.54 7.25
C HIS B 171 16.80 -7.10 7.12
N LEU B 172 17.57 -7.76 6.25
CA LEU B 172 18.98 -7.35 6.04
C LEU B 172 19.01 -5.91 5.58
N GLY B 173 18.15 -5.57 4.65
CA GLY B 173 18.12 -4.24 4.14
C GLY B 173 17.57 -3.22 5.14
N PHE B 174 16.59 -3.62 5.95
CA PHE B 174 15.89 -2.69 6.85
C PHE B 174 16.68 -2.47 8.12
N TRP B 175 17.17 -3.54 8.75
CA TRP B 175 17.88 -3.43 10.03
C TRP B 175 19.39 -3.26 9.90
N TYR B 176 19.99 -3.76 8.81
CA TYR B 176 21.45 -3.80 8.75
C TYR B 176 22.09 -2.81 7.78
N THR B 177 21.47 -2.53 6.62
CA THR B 177 22.15 -1.75 5.56
C THR B 177 21.54 -0.47 5.05
N ASP B 179 19.14 -0.22 2.88
CA ASP B 179 18.73 -0.37 1.48
C ASP B 179 17.46 0.42 1.19
N PRO B 180 17.49 1.38 0.29
CA PRO B 180 16.26 2.15 0.01
C PRO B 180 15.07 1.29 -0.43
N ALA B 181 15.34 0.12 -1.00
CA ALA B 181 14.26 -0.73 -1.48
C ALA B 181 13.47 -1.38 -0.35
N CYS B 182 14.01 -1.37 0.87
CA CYS B 182 13.38 -1.99 2.06
C CYS B 182 12.74 -0.95 2.99
N GLU B 183 12.72 0.33 2.58
CA GLU B 183 12.02 1.34 3.36
C GLU B 183 10.54 0.96 3.52
N LYS B 184 10.00 1.37 4.66
CA LYS B 184 8.61 1.19 5.05
C LYS B 184 8.22 -0.27 5.30
N LEU B 185 9.19 -1.13 5.57
CA LEU B 185 8.91 -2.54 5.84
C LEU B 185 7.89 -2.76 6.94
N TYR B 186 7.93 -1.91 7.97
CA TYR B 186 7.01 -1.94 9.10
C TYR B 186 6.03 -0.79 9.01
N GLY B 187 5.79 -0.27 7.80
CA GLY B 187 4.85 0.83 7.64
C GLY B 187 5.37 2.04 8.38
N GLY B 188 4.46 2.83 8.91
CA GLY B 188 4.80 3.96 9.75
C GLY B 188 5.18 3.62 11.19
N ALA B 189 5.11 2.33 11.56
CA ALA B 189 5.36 1.93 12.94
C ALA B 189 6.81 2.11 13.37
N VAL B 190 7.79 1.85 12.48
CA VAL B 190 9.18 1.98 12.76
C VAL B 190 9.78 2.85 11.66
N PRO B 191 10.38 3.98 12.04
CA PRO B 191 10.94 4.91 11.05
C PRO B 191 12.15 4.30 10.29
#